data_9N17
#
_entry.id   9N17
#
_cell.length_a   1.00
_cell.length_b   1.00
_cell.length_c   1.00
_cell.angle_alpha   90.00
_cell.angle_beta   90.00
_cell.angle_gamma   90.00
#
_symmetry.space_group_name_H-M   'P 1'
#
loop_
_entity.id
_entity.type
_entity.pdbx_description
1 polymer 'Spike glycoprotein'
2 branched alpha-D-mannopyranose-(1-3)-[alpha-D-mannopyranose-(1-6)]beta-D-mannopyranose-(1-4)-2-acetamido-2-deoxy-beta-D-glucopyranose-(1-4)-2-acetamido-2-deoxy-beta-D-glucopyranose
3 branched 2-acetamido-2-deoxy-beta-D-glucopyranose-(1-4)-2-acetamido-2-deoxy-beta-D-glucopyranose
4 non-polymer 2-acetamido-2-deoxy-beta-D-glucopyranose
#
_entity_poly.entity_id   1
_entity_poly.type   'polypeptide(L)'
_entity_poly.pdbx_seq_one_letter_code
;VIGDFNCTNFAINDLNTTVISEYVVDVSYGLGTYYILDRVYLNTTILFTGYFPKSGANFRDLSLKGTTYLSTLWYQKPFL
SDFNNGIFSRVKNTKLYVNKTLYSEFSTIVIGSVFINNSYTIVVQPHNGVLEITACQYTMCEYPHTICKSKGSSRNESWH
FDKSEPLCLFKKNFTYNVSTDWLYFHFYQERGTFYAYYADSGMPTTFLFSLYLGTLLSHYYVLPLTCNAISSNTDNETLQ
YWVTPLSKRQYLLKFDNRGVITNAVDCSSSFFSEIQCKTKSLLPNTGVYDLSGFTVKPVATVHRRIPDLPDCDIDKWLNN
FNVPSPLNWERKIFSNCNFNLSTLLRLVHTDSFSCNNFDESKIYGSCFKSIVLDKFAIPNSRRSDLQLGSSGFLQSSNYK
IDTTSSSCQLYYSLPAINVTINNYNPSSWNRRYGFNNFNLSSHSVVYSRYCFSVNNTFCPCAKPSFASSCKSHKPPSASC
PIGTNYRSCESTTVLDHTDWCRCSCLPDPITAYDPRSCSQKKSLVGVGEHCAGFGVDEEKCGVLDGSYNVSCLCSTDAFL
GWSYDTCVSNNRCNIFSNFILNGINSGTTCSNDLLQPNTEVFTDVCVDYDLYGITGQGIFKEVSAVYYNSWQNLLYDSNG
NIIGFKDFVTNKTYNIFPCYAGRVSAAFHQNASSLALLYRNLKCSYVLNNISLTTQPYFDSYLGCVFNADNLTDYSVSSC
ALRMGSGFCVDYNSPSSSSSRRKRRSISASYRFVTFEPFNVSFVNDSIESVGGLYEIKIPTNFTIVGQEEFIQTNSPKVT
IDCSLFVCSNYAACHDLLSEYGTFCDNINSILDEVNGLLDTTQLHVADTLMQGVTLSSNLNTNLHFDVDNINFKSLVGCL
GPHCGSSSRSFFEDLLFDKVKLSDVGFVEAYNNCTGGSEIRDLLCVQSFNGIKVLPPILSESQISGYTTAATVAAMFPPW
SAAAGIPFSLNVQYRINGLGVTMDVLNKNQKLIATAFNNALLSIQNGFSAPNSALAKIQSVVNSNAQALNSLLQQLFNKF
GAISSSLQEILSRLDPPEAQVQIDRLINGRLTALNAYVSQQLSDISLVKFGAALAMEKVNECVKSQSPRINFCGNGNHIL
SLVQNAPYGLLFMHFSYKPISFKTVLVSPGLCISGDVGIAPKQGYFIKHNDHWMFTGSSYYYPEPISDKNVVFMNTCSVN
FTKAPLVYLNHSVPKLSDFESELSHWFKNQTSIAPNLTLNLHTINATFLDLYYEMNLIQESIKSLNNSYINLKDIGTYEM
YVKSGGYIPEAPRDGQAYVRKDGEWVLLSTFLNSGRAHHHHHHGAGGLNDIFEAQKIEWHEDTAAA
;
_entity_poly.pdbx_strand_id   A
#
loop_
_chem_comp.id
_chem_comp.type
_chem_comp.name
_chem_comp.formula
BMA D-saccharide, beta linking beta-D-mannopyranose 'C6 H12 O6'
MAN D-saccharide, alpha linking alpha-D-mannopyranose 'C6 H12 O6'
NAG D-saccharide, beta linking 2-acetamido-2-deoxy-beta-D-glucopyranose 'C8 H15 N O6'
#
# COMPACT_ATOMS: atom_id res chain seq x y z
N VAL A 1 -19.34 -0.05 -2.74
CA VAL A 1 -18.87 -0.84 -1.57
C VAL A 1 -17.65 -1.66 -1.98
N ILE A 2 -16.71 -1.85 -1.06
CA ILE A 2 -15.81 -3.03 -1.09
C ILE A 2 -16.66 -4.20 -0.57
N GLY A 3 -16.30 -5.47 -0.74
CA GLY A 3 -17.01 -6.56 -0.05
C GLY A 3 -18.51 -6.65 -0.35
N ASP A 4 -19.26 -7.27 0.55
CA ASP A 4 -20.72 -7.06 0.65
C ASP A 4 -21.31 -7.37 2.04
N PHE A 5 -20.50 -7.70 3.04
CA PHE A 5 -21.01 -8.02 4.38
C PHE A 5 -21.30 -6.77 5.22
N ASN A 6 -22.48 -6.68 5.82
CA ASN A 6 -22.89 -5.57 6.68
C ASN A 6 -22.27 -5.67 8.09
N CYS A 7 -21.04 -5.17 8.25
CA CYS A 7 -20.32 -5.22 9.53
C CYS A 7 -20.86 -4.25 10.58
N THR A 8 -21.28 -3.05 10.18
CA THR A 8 -22.02 -2.12 11.05
C THR A 8 -22.82 -1.09 10.26
N ASN A 9 -23.88 -0.55 10.86
CA ASN A 9 -24.60 0.63 10.40
C ASN A 9 -24.09 1.94 11.03
N PHE A 10 -23.20 1.86 12.02
CA PHE A 10 -22.88 3.00 12.88
C PHE A 10 -22.19 4.15 12.13
N ALA A 11 -22.79 5.35 12.23
CA ALA A 11 -22.22 6.62 11.79
C ALA A 11 -21.67 6.59 10.34
N ILE A 12 -22.54 6.38 9.37
CA ILE A 12 -22.22 6.46 7.93
C ILE A 12 -23.06 7.55 7.28
N ASN A 13 -22.49 8.31 6.35
CA ASN A 13 -23.17 9.36 5.61
C ASN A 13 -22.66 9.45 4.17
N ASP A 14 -23.15 10.41 3.39
CA ASP A 14 -22.75 10.60 1.98
C ASP A 14 -21.91 11.87 1.76
N LEU A 15 -21.08 12.26 2.74
CA LEU A 15 -20.28 13.48 2.67
C LEU A 15 -19.32 13.47 1.48
N ASN A 16 -19.32 14.52 0.68
CA ASN A 16 -18.63 14.59 -0.63
C ASN A 16 -17.28 15.32 -0.60
N THR A 17 -16.96 16.02 0.49
CA THR A 17 -15.91 17.06 0.55
C THR A 17 -14.48 16.50 0.72
N THR A 18 -14.12 15.50 -0.08
CA THR A 18 -12.76 14.92 -0.12
C THR A 18 -12.30 14.72 -1.55
N VAL A 19 -11.06 15.10 -1.86
CA VAL A 19 -10.47 15.03 -3.22
C VAL A 19 -9.10 14.39 -3.21
N ILE A 20 -8.76 13.69 -4.29
CA ILE A 20 -7.46 13.06 -4.45
C ILE A 20 -6.39 14.14 -4.62
N SER A 21 -5.39 14.17 -3.75
CA SER A 21 -4.20 14.99 -3.96
C SER A 21 -3.22 14.29 -4.90
N GLU A 22 -2.52 15.02 -5.75
CA GLU A 22 -1.64 14.46 -6.77
C GLU A 22 -0.25 15.10 -6.81
N TYR A 23 0.73 14.31 -7.26
CA TYR A 23 2.17 14.61 -7.20
C TYR A 23 2.86 13.90 -8.37
N VAL A 24 4.05 14.33 -8.82
CA VAL A 24 4.63 13.87 -10.09
C VAL A 24 5.78 12.89 -9.87
N VAL A 25 5.74 11.73 -10.54
CA VAL A 25 6.76 10.69 -10.47
C VAL A 25 8.07 11.21 -11.06
N ASP A 26 9.16 11.08 -10.32
CA ASP A 26 10.49 11.46 -10.75
C ASP A 26 11.50 10.39 -10.32
N VAL A 27 11.93 9.57 -11.27
CA VAL A 27 12.80 8.43 -11.02
C VAL A 27 14.29 8.77 -11.06
N SER A 28 14.66 10.04 -11.24
CA SER A 28 16.07 10.42 -11.47
C SER A 28 17.01 10.11 -10.30
N TYR A 29 16.49 9.83 -9.10
CA TYR A 29 17.24 9.36 -7.93
C TYR A 29 16.93 7.91 -7.52
N GLY A 30 16.43 7.10 -8.45
CA GLY A 30 16.21 5.66 -8.23
C GLY A 30 14.83 5.29 -7.68
N LEU A 31 14.00 6.27 -7.33
CA LEU A 31 12.60 6.03 -6.97
C LEU A 31 11.89 5.20 -8.04
N GLY A 32 11.07 4.24 -7.63
CA GLY A 32 10.35 3.38 -8.58
C GLY A 32 11.16 2.23 -9.17
N THR A 33 12.45 2.13 -8.91
CA THR A 33 13.27 1.00 -9.36
C THR A 33 13.36 -0.12 -8.32
N TYR A 34 13.91 -1.27 -8.69
CA TYR A 34 14.14 -2.39 -7.78
C TYR A 34 15.42 -3.15 -8.11
N TYR A 35 16.00 -3.83 -7.13
CA TYR A 35 17.17 -4.68 -7.35
C TYR A 35 16.85 -5.93 -8.14
N ILE A 36 17.71 -6.27 -9.11
CA ILE A 36 17.43 -7.29 -10.11
C ILE A 36 17.77 -8.68 -9.57
N LEU A 37 16.75 -9.53 -9.38
CA LEU A 37 16.92 -10.94 -9.01
C LEU A 37 17.89 -11.10 -7.81
N ASP A 38 18.96 -11.86 -7.99
CA ASP A 38 20.06 -12.03 -7.03
C ASP A 38 21.39 -11.44 -7.56
N ARG A 39 21.35 -10.62 -8.61
CA ARG A 39 22.53 -10.03 -9.24
C ARG A 39 23.06 -8.83 -8.48
N VAL A 40 24.37 -8.60 -8.56
CA VAL A 40 25.01 -7.34 -8.15
C VAL A 40 25.76 -6.75 -9.32
N TYR A 41 25.43 -5.53 -9.70
CA TYR A 41 26.14 -4.73 -10.69
C TYR A 41 26.94 -3.64 -9.96
N LEU A 42 28.15 -3.32 -10.39
CA LEU A 42 29.00 -2.31 -9.72
C LEU A 42 29.47 -1.23 -10.68
N ASN A 43 29.51 0.01 -10.20
CA ASN A 43 30.04 1.19 -10.89
C ASN A 43 29.75 1.24 -12.41
N THR A 44 28.49 1.10 -12.80
CA THR A 44 28.12 0.89 -14.21
C THR A 44 26.69 1.33 -14.51
N THR A 45 26.35 1.52 -15.78
CA THR A 45 24.98 1.76 -16.24
C THR A 45 24.48 0.58 -17.05
N ILE A 46 23.24 0.18 -16.79
CA ILE A 46 22.57 -0.97 -17.41
C ILE A 46 21.28 -0.51 -18.05
N LEU A 47 20.93 -1.05 -19.21
CA LEU A 47 19.56 -0.98 -19.71
C LEU A 47 18.84 -2.24 -19.28
N PHE A 48 17.69 -2.09 -18.62
CA PHE A 48 16.91 -3.20 -18.10
C PHE A 48 15.43 -2.96 -18.35
N THR A 49 14.67 -4.01 -18.62
CA THR A 49 13.21 -3.93 -18.80
C THR A 49 12.52 -4.59 -17.63
N GLY A 50 11.63 -3.87 -16.96
CA GLY A 50 10.98 -4.32 -15.73
C GLY A 50 9.62 -3.68 -15.53
N TYR A 51 8.92 -4.04 -14.46
CA TYR A 51 7.68 -3.39 -14.09
C TYR A 51 8.00 -2.09 -13.35
N PHE A 52 7.90 -0.95 -14.02
CA PHE A 52 8.29 0.34 -13.48
C PHE A 52 7.20 1.40 -13.66
N PRO A 53 7.17 2.46 -12.84
CA PRO A 53 6.34 3.62 -13.09
C PRO A 53 6.67 4.27 -14.44
N LYS A 54 5.71 4.99 -15.02
CA LYS A 54 6.02 5.94 -16.09
C LYS A 54 6.56 7.22 -15.47
N SER A 55 7.78 7.64 -15.80
CA SER A 55 8.30 8.91 -15.32
C SER A 55 7.42 10.07 -15.81
N GLY A 56 7.17 11.07 -14.97
CA GLY A 56 6.26 12.16 -15.30
C GLY A 56 4.77 11.82 -15.28
N ALA A 57 4.37 10.58 -14.98
CA ALA A 57 3.01 10.29 -14.57
C ALA A 57 2.73 10.81 -13.15
N ASN A 58 1.47 10.88 -12.76
CA ASN A 58 1.09 11.28 -11.42
C ASN A 58 1.04 10.10 -10.45
N PHE A 59 1.44 10.35 -9.22
CA PHE A 59 0.98 9.65 -8.05
C PHE A 59 -0.36 10.23 -7.59
N ARG A 60 -1.22 9.38 -7.01
CA ARG A 60 -2.44 9.76 -6.31
C ARG A 60 -2.30 9.43 -4.83
N ASP A 61 -2.51 10.37 -3.92
CA ASP A 61 -2.56 10.05 -2.49
C ASP A 61 -3.93 9.48 -2.13
N LEU A 62 -4.01 8.17 -1.94
CA LEU A 62 -5.25 7.50 -1.61
C LEU A 62 -5.49 7.36 -0.10
N SER A 63 -4.62 7.85 0.75
CA SER A 63 -4.85 7.74 2.20
C SER A 63 -6.07 8.58 2.62
N LEU A 64 -6.93 7.99 3.45
CA LEU A 64 -8.08 8.67 4.04
C LEU A 64 -8.02 8.56 5.56
N LYS A 65 -8.02 9.70 6.26
CA LYS A 65 -8.08 9.73 7.73
C LYS A 65 -9.48 10.16 8.14
N GLY A 66 -10.14 9.35 8.97
CA GLY A 66 -11.43 9.67 9.57
C GLY A 66 -11.35 9.86 11.08
N THR A 67 -12.44 10.29 11.71
CA THR A 67 -12.53 10.42 13.18
C THR A 67 -13.71 9.65 13.76
N THR A 68 -14.90 9.78 13.16
CA THR A 68 -16.14 9.06 13.55
C THR A 68 -16.96 8.63 12.35
N TYR A 69 -17.45 9.58 11.55
CA TYR A 69 -18.28 9.27 10.38
C TYR A 69 -17.45 8.75 9.22
N LEU A 70 -18.00 7.78 8.48
CA LEU A 70 -17.45 7.29 7.21
C LEU A 70 -18.33 7.74 6.04
N SER A 71 -17.75 8.33 5.01
CA SER A 71 -18.50 8.62 3.78
C SER A 71 -18.65 7.35 2.93
N THR A 72 -19.86 7.05 2.48
CA THR A 72 -20.07 6.00 1.48
C THR A 72 -19.26 6.23 0.20
N LEU A 73 -19.00 7.49 -0.15
CA LEU A 73 -18.29 7.86 -1.38
C LEU A 73 -16.81 7.48 -1.34
N TRP A 74 -16.24 7.21 -0.17
CA TRP A 74 -14.88 6.69 -0.05
C TRP A 74 -14.74 5.26 -0.55
N TYR A 75 -15.84 4.54 -0.72
CA TYR A 75 -15.85 3.11 -1.05
C TYR A 75 -16.31 2.86 -2.49
N GLN A 76 -15.92 3.75 -3.39
CA GLN A 76 -16.31 3.80 -4.80
C GLN A 76 -15.14 4.31 -5.64
N LYS A 77 -15.24 4.30 -6.97
CA LYS A 77 -14.33 5.11 -7.80
C LYS A 77 -14.46 6.58 -7.38
N PRO A 78 -13.37 7.37 -7.37
CA PRO A 78 -12.04 7.07 -7.89
C PRO A 78 -11.11 6.34 -6.91
N PHE A 79 -11.53 6.03 -5.69
CA PHE A 79 -10.66 5.41 -4.69
C PHE A 79 -10.47 3.91 -4.95
N LEU A 80 -11.56 3.15 -5.11
CA LEU A 80 -11.50 1.77 -5.57
C LEU A 80 -10.92 1.76 -6.99
N SER A 81 -9.74 1.19 -7.17
CA SER A 81 -8.89 1.44 -8.34
C SER A 81 -8.56 0.18 -9.11
N ASP A 82 -8.42 0.28 -10.42
CA ASP A 82 -8.06 -0.86 -11.28
C ASP A 82 -6.58 -1.23 -11.09
N PHE A 83 -6.27 -2.52 -10.89
CA PHE A 83 -4.91 -2.98 -10.59
C PHE A 83 -4.05 -3.19 -11.85
N ASN A 84 -4.63 -3.61 -12.97
CA ASN A 84 -3.92 -3.86 -14.24
C ASN A 84 -2.66 -4.72 -14.05
N ASN A 85 -1.48 -4.29 -14.51
CA ASN A 85 -0.24 -5.02 -14.29
C ASN A 85 0.26 -4.92 -12.85
N GLY A 86 0.03 -3.80 -12.16
CA GLY A 86 0.52 -3.56 -10.81
C GLY A 86 0.57 -2.08 -10.44
N ILE A 87 1.08 -1.79 -9.25
CA ILE A 87 1.24 -0.45 -8.68
C ILE A 87 2.55 -0.30 -7.94
N PHE A 88 3.06 0.92 -7.92
CA PHE A 88 4.15 1.34 -7.06
C PHE A 88 3.59 2.25 -5.98
N SER A 89 3.90 2.00 -4.71
CA SER A 89 3.47 2.80 -3.57
C SER A 89 4.63 3.54 -2.95
N ARG A 90 4.47 4.82 -2.63
CA ARG A 90 5.34 5.61 -1.76
C ARG A 90 4.53 5.97 -0.53
N VAL A 91 4.91 5.49 0.63
CA VAL A 91 4.08 5.49 1.84
C VAL A 91 4.75 6.28 2.94
N LYS A 92 4.11 7.32 3.47
CA LYS A 92 4.64 8.02 4.64
C LYS A 92 4.44 7.15 5.87
N ASN A 93 5.46 6.93 6.66
CA ASN A 93 5.33 6.31 7.98
C ASN A 93 4.93 7.38 9.01
N THR A 94 3.67 7.44 9.41
CA THR A 94 3.17 8.45 10.35
C THR A 94 3.62 8.08 11.76
N LYS A 95 4.72 8.69 12.21
CA LYS A 95 5.33 8.45 13.53
C LYS A 95 4.64 9.26 14.62
N LEU A 96 3.75 8.62 15.38
CA LEU A 96 3.07 9.20 16.54
C LEU A 96 3.90 8.99 17.81
N TYR A 97 3.54 9.72 18.87
CA TYR A 97 4.12 9.54 20.20
C TYR A 97 3.06 9.46 21.29
N VAL A 98 3.25 8.56 22.26
CA VAL A 98 2.50 8.52 23.52
C VAL A 98 3.50 8.39 24.67
N ASN A 99 3.44 9.27 25.67
CA ASN A 99 4.41 9.34 26.78
C ASN A 99 5.88 9.23 26.31
N LYS A 100 6.24 9.95 25.24
CA LYS A 100 7.56 9.93 24.58
C LYS A 100 8.02 8.56 24.04
N THR A 101 7.11 7.60 23.87
CA THR A 101 7.36 6.34 23.14
C THR A 101 6.79 6.43 21.73
N LEU A 102 7.59 6.08 20.73
CA LEU A 102 7.22 6.13 19.31
C LEU A 102 6.26 5.01 18.92
N TYR A 103 5.27 5.33 18.08
CA TYR A 103 4.40 4.36 17.41
C TYR A 103 4.31 4.67 15.92
N SER A 104 4.36 3.63 15.08
CA SER A 104 4.29 3.76 13.63
C SER A 104 2.91 3.35 13.12
N GLU A 105 2.25 4.24 12.38
CA GLU A 105 0.97 4.00 11.71
C GLU A 105 1.09 4.31 10.21
N PHE A 106 0.40 3.55 9.36
CA PHE A 106 0.08 3.94 7.98
C PHE A 106 -1.09 3.11 7.45
N SER A 107 -1.69 3.51 6.33
CA SER A 107 -2.88 2.84 5.79
C SER A 107 -2.62 1.40 5.35
N THR A 108 -3.51 0.49 5.71
CA THR A 108 -3.57 -0.86 5.10
C THR A 108 -3.96 -0.76 3.64
N ILE A 109 -3.41 -1.62 2.78
CA ILE A 109 -3.88 -1.80 1.40
C ILE A 109 -4.46 -3.19 1.21
N VAL A 110 -5.56 -3.30 0.48
CA VAL A 110 -6.14 -4.58 0.06
C VAL A 110 -6.10 -4.68 -1.46
N ILE A 111 -5.79 -5.86 -1.98
CA ILE A 111 -5.71 -6.13 -3.42
C ILE A 111 -6.51 -7.39 -3.69
N GLY A 112 -7.34 -7.41 -4.73
CA GLY A 112 -8.28 -8.51 -4.93
C GLY A 112 -9.01 -8.44 -6.27
N SER A 113 -10.18 -9.06 -6.32
CA SER A 113 -11.08 -8.99 -7.48
C SER A 113 -12.50 -8.62 -7.05
N VAL A 114 -13.29 -9.56 -6.56
CA VAL A 114 -14.67 -9.31 -6.10
C VAL A 114 -14.78 -9.03 -4.61
N PHE A 115 -13.73 -9.29 -3.82
CA PHE A 115 -13.71 -9.11 -2.36
C PHE A 115 -14.73 -9.96 -1.58
N ILE A 116 -15.29 -11.00 -2.20
CA ILE A 116 -16.20 -11.98 -1.59
C ILE A 116 -15.40 -13.19 -1.08
N ASN A 117 -15.83 -13.83 0.01
CA ASN A 117 -15.19 -15.01 0.60
C ASN A 117 -15.18 -16.29 -0.26
N ASN A 118 -15.50 -16.22 -1.55
CA ASN A 118 -15.24 -17.28 -2.53
C ASN A 118 -14.07 -16.92 -3.48
N SER A 119 -13.28 -15.91 -3.12
CA SER A 119 -12.10 -15.43 -3.83
C SER A 119 -11.04 -14.96 -2.83
N TYR A 120 -9.76 -15.00 -3.20
CA TYR A 120 -8.69 -14.57 -2.30
C TYR A 120 -8.45 -13.06 -2.39
N THR A 121 -8.40 -12.39 -1.24
CA THR A 121 -7.99 -10.98 -1.11
C THR A 121 -6.63 -10.94 -0.43
N ILE A 122 -5.66 -10.26 -1.02
CA ILE A 122 -4.38 -9.96 -0.38
C ILE A 122 -4.57 -8.74 0.52
N VAL A 123 -4.03 -8.76 1.72
CA VAL A 123 -4.06 -7.64 2.67
C VAL A 123 -2.66 -7.39 3.18
N VAL A 124 -2.22 -6.13 3.19
CA VAL A 124 -0.93 -5.71 3.74
C VAL A 124 -1.19 -4.65 4.80
N GLN A 125 -0.93 -4.97 6.07
CA GLN A 125 -1.29 -4.12 7.21
C GLN A 125 -0.12 -3.95 8.17
N PRO A 126 0.21 -2.72 8.60
CA PRO A 126 1.22 -2.51 9.62
C PRO A 126 0.64 -2.70 11.02
N HIS A 127 1.49 -3.21 11.91
CA HIS A 127 1.29 -3.35 13.34
C HIS A 127 2.57 -2.88 14.06
N ASN A 128 2.83 -1.58 14.02
CA ASN A 128 3.93 -0.92 14.72
C ASN A 128 5.29 -1.63 14.61
N GLY A 129 5.85 -1.72 13.40
CA GLY A 129 7.14 -2.34 13.12
C GLY A 129 7.05 -3.78 12.60
N VAL A 130 5.88 -4.41 12.70
CA VAL A 130 5.56 -5.66 12.01
C VAL A 130 4.66 -5.34 10.84
N LEU A 131 5.02 -5.73 9.63
CA LEU A 131 4.16 -5.69 8.46
C LEU A 131 3.53 -7.07 8.30
N GLU A 132 2.24 -7.20 8.61
CA GLU A 132 1.52 -8.46 8.43
C GLU A 132 0.98 -8.53 7.00
N ILE A 133 1.32 -9.58 6.27
CA ILE A 133 0.83 -9.83 4.92
C ILE A 133 0.08 -11.15 4.86
N THR A 134 -1.13 -11.14 4.33
CA THR A 134 -1.97 -12.34 4.20
C THR A 134 -2.68 -12.37 2.86
N ALA A 135 -3.10 -13.56 2.44
CA ALA A 135 -3.92 -13.76 1.26
C ALA A 135 -4.96 -14.84 1.58
N CYS A 136 -6.20 -14.43 1.84
CA CYS A 136 -7.23 -15.28 2.40
C CYS A 136 -8.58 -15.02 1.76
N GLN A 137 -9.50 -15.96 1.90
CA GLN A 137 -10.90 -15.77 1.51
C GLN A 137 -11.67 -14.94 2.55
N TYR A 138 -11.24 -13.70 2.77
CA TYR A 138 -11.86 -12.82 3.74
C TYR A 138 -13.30 -12.45 3.38
N THR A 139 -14.20 -12.48 4.35
CA THR A 139 -15.52 -11.86 4.24
C THR A 139 -15.38 -10.35 4.42
N MET A 140 -14.97 -9.63 3.38
CA MET A 140 -14.74 -8.19 3.47
C MET A 140 -16.03 -7.43 3.80
N CYS A 141 -15.94 -6.43 4.67
CA CYS A 141 -17.06 -5.54 4.97
C CYS A 141 -17.47 -4.69 3.76
N GLU A 142 -18.69 -4.15 3.75
CA GLU A 142 -19.11 -3.12 2.78
C GLU A 142 -18.27 -1.85 2.87
N TYR A 143 -17.91 -1.47 4.09
CA TYR A 143 -17.24 -0.22 4.43
C TYR A 143 -16.03 -0.51 5.34
N PRO A 144 -14.96 -1.14 4.83
CA PRO A 144 -13.85 -1.58 5.64
C PRO A 144 -13.01 -0.39 6.13
N HIS A 145 -12.45 -0.46 7.33
CA HIS A 145 -11.49 0.55 7.81
C HIS A 145 -10.62 -0.01 8.94
N THR A 146 -9.51 0.65 9.24
CA THR A 146 -8.63 0.31 10.38
C THR A 146 -8.70 1.38 11.47
N ILE A 147 -7.96 1.21 12.57
CA ILE A 147 -7.88 2.20 13.67
C ILE A 147 -6.45 2.47 14.11
N CYS A 148 -6.21 3.66 14.68
CA CYS A 148 -5.03 3.91 15.50
C CYS A 148 -5.06 3.05 16.76
N LYS A 149 -4.30 1.95 16.80
CA LYS A 149 -4.18 1.11 18.01
C LYS A 149 -3.39 1.82 19.12
N SER A 150 -2.47 2.71 18.74
CA SER A 150 -1.69 3.58 19.64
C SER A 150 -2.58 4.62 20.34
N LYS A 151 -3.13 5.59 19.60
CA LYS A 151 -3.92 6.72 20.14
C LYS A 151 -5.41 6.43 20.36
N GLY A 152 -5.96 5.35 19.82
CA GLY A 152 -7.38 5.02 19.91
C GLY A 152 -8.28 5.73 18.89
N SER A 153 -9.53 5.26 18.78
CA SER A 153 -10.52 5.74 17.81
C SER A 153 -11.94 5.70 18.38
N SER A 154 -12.85 6.53 17.87
CA SER A 154 -14.25 6.54 18.34
C SER A 154 -15.09 5.33 17.90
N ARG A 155 -14.53 4.44 17.07
CA ARG A 155 -15.18 3.21 16.58
C ARG A 155 -14.22 2.02 16.59
N ASN A 156 -14.76 0.80 16.67
CA ASN A 156 -13.97 -0.43 16.63
C ASN A 156 -13.41 -0.70 15.23
N GLU A 157 -12.33 -1.49 15.13
CA GLU A 157 -11.76 -1.92 13.84
C GLU A 157 -12.65 -2.96 13.15
N SER A 158 -12.91 -2.79 11.86
CA SER A 158 -13.60 -3.80 11.06
C SER A 158 -13.32 -3.62 9.58
N TRP A 159 -12.62 -4.57 8.98
CA TRP A 159 -12.47 -4.67 7.53
C TRP A 159 -12.88 -6.03 6.99
N HIS A 160 -13.04 -7.03 7.84
CA HIS A 160 -13.62 -8.31 7.50
C HIS A 160 -14.41 -8.87 8.69
N PHE A 161 -15.35 -9.78 8.43
CA PHE A 161 -16.10 -10.48 9.47
C PHE A 161 -16.07 -11.98 9.24
N ASP A 162 -14.96 -12.62 9.61
CA ASP A 162 -14.84 -14.08 9.61
C ASP A 162 -14.77 -14.57 11.05
N LYS A 163 -15.78 -15.34 11.46
CA LYS A 163 -15.93 -15.80 12.84
C LYS A 163 -15.04 -17.01 13.13
N SER A 164 -15.07 -17.99 12.23
CA SER A 164 -14.05 -19.02 12.09
C SER A 164 -12.93 -18.53 11.16
N GLU A 165 -11.73 -19.09 11.28
CA GLU A 165 -10.58 -18.67 10.45
C GLU A 165 -10.80 -19.02 8.96
N PRO A 166 -10.64 -18.07 8.01
CA PRO A 166 -10.80 -18.33 6.59
C PRO A 166 -9.63 -19.12 6.01
N LEU A 167 -9.84 -19.73 4.85
CA LEU A 167 -8.78 -20.41 4.11
C LEU A 167 -7.76 -19.40 3.55
N CYS A 168 -6.47 -19.65 3.73
CA CYS A 168 -5.40 -18.74 3.32
C CYS A 168 -4.36 -19.43 2.44
N LEU A 169 -3.98 -18.79 1.34
CA LEU A 169 -2.84 -19.21 0.52
C LEU A 169 -1.51 -18.76 1.11
N PHE A 170 -1.51 -17.63 1.82
CA PHE A 170 -0.30 -17.01 2.36
C PHE A 170 -0.59 -16.28 3.66
N LYS A 171 0.38 -16.30 4.58
CA LYS A 171 0.36 -15.58 5.85
C LYS A 171 1.79 -15.48 6.37
N LYS A 172 2.39 -14.29 6.34
CA LYS A 172 3.74 -14.02 6.86
C LYS A 172 3.84 -12.63 7.44
N ASN A 173 4.79 -12.46 8.34
CA ASN A 173 5.15 -11.17 8.91
C ASN A 173 6.55 -10.78 8.45
N PHE A 174 6.75 -9.51 8.12
CA PHE A 174 8.06 -8.95 7.81
C PHE A 174 8.29 -7.75 8.70
N THR A 175 9.44 -7.63 9.35
CA THR A 175 9.73 -6.44 10.16
C THR A 175 10.16 -5.28 9.27
N TYR A 176 9.89 -4.05 9.71
CA TYR A 176 10.34 -2.83 9.05
C TYR A 176 10.81 -1.83 10.10
N ASN A 177 11.80 -1.00 9.77
CA ASN A 177 12.35 -0.02 10.70
C ASN A 177 11.34 1.12 10.97
N VAL A 178 10.70 1.10 12.15
CA VAL A 178 9.73 2.11 12.60
C VAL A 178 10.26 3.54 12.59
N SER A 179 11.57 3.76 12.58
CA SER A 179 12.14 5.11 12.57
C SER A 179 12.16 5.76 11.18
N THR A 180 12.11 5.01 10.09
CA THR A 180 12.25 5.57 8.74
C THR A 180 11.04 6.39 8.33
N ASP A 181 11.21 7.42 7.50
CA ASP A 181 10.11 8.31 7.14
C ASP A 181 9.24 7.78 5.99
N TRP A 182 9.78 6.93 5.12
CA TRP A 182 9.10 6.46 3.92
C TRP A 182 9.29 4.97 3.67
N LEU A 183 8.23 4.25 3.31
CA LEU A 183 8.29 2.90 2.79
C LEU A 183 7.88 2.89 1.32
N TYR A 184 8.58 2.11 0.50
CA TYR A 184 8.27 1.94 -0.91
C TYR A 184 7.86 0.51 -1.19
N PHE A 185 6.86 0.29 -2.05
CA PHE A 185 6.41 -1.05 -2.45
C PHE A 185 6.19 -1.14 -3.95
N HIS A 186 6.56 -2.26 -4.57
CA HIS A 186 6.01 -2.68 -5.87
C HIS A 186 5.11 -3.87 -5.65
N PHE A 187 3.87 -3.79 -6.09
CA PHE A 187 2.97 -4.94 -6.18
C PHE A 187 2.63 -5.14 -7.63
N TYR A 188 2.93 -6.29 -8.23
CA TYR A 188 2.58 -6.56 -9.62
C TYR A 188 2.22 -8.01 -9.84
N GLN A 189 1.57 -8.32 -10.96
CA GLN A 189 1.19 -9.69 -11.31
C GLN A 189 1.69 -10.05 -12.70
N GLU A 190 2.16 -11.28 -12.87
CA GLU A 190 2.53 -11.84 -14.16
C GLU A 190 2.10 -13.32 -14.20
N ARG A 191 1.44 -13.75 -15.28
CA ARG A 191 0.98 -15.14 -15.48
C ARG A 191 0.32 -15.76 -14.25
N GLY A 192 -0.64 -15.07 -13.64
CA GLY A 192 -1.40 -15.56 -12.48
C GLY A 192 -0.60 -15.67 -11.18
N THR A 193 0.60 -15.11 -11.12
CA THR A 193 1.44 -15.03 -9.92
C THR A 193 1.57 -13.58 -9.50
N PHE A 194 1.32 -13.29 -8.22
CA PHE A 194 1.54 -11.99 -7.60
C PHE A 194 2.98 -11.87 -7.08
N TYR A 195 3.59 -10.70 -7.18
CA TYR A 195 4.95 -10.40 -6.73
C TYR A 195 4.94 -9.14 -5.89
N ALA A 196 5.66 -9.15 -4.76
CA ALA A 196 5.80 -7.99 -3.90
C ALA A 196 7.27 -7.68 -3.65
N TYR A 197 7.67 -6.43 -3.84
CA TYR A 197 8.96 -5.89 -3.46
C TYR A 197 8.73 -4.72 -2.51
N TYR A 198 9.62 -4.49 -1.56
CA TYR A 198 9.55 -3.32 -0.71
C TYR A 198 10.92 -2.75 -0.36
N ALA A 199 10.96 -1.53 0.16
CA ALA A 199 12.10 -1.03 0.91
C ALA A 199 11.61 -0.14 2.04
N ASP A 200 12.16 -0.29 3.23
CA ASP A 200 11.97 0.66 4.33
C ASP A 200 13.11 1.69 4.39
N SER A 201 14.27 1.40 3.82
CA SER A 201 15.43 2.31 3.81
C SER A 201 15.99 2.45 2.39
N GLY A 202 16.23 3.67 1.96
CA GLY A 202 16.53 3.98 0.56
C GLY A 202 15.32 3.82 -0.35
N MET A 203 15.45 4.22 -1.62
CA MET A 203 14.35 4.19 -2.58
C MET A 203 14.20 2.91 -3.41
N PRO A 204 15.26 2.29 -3.94
CA PRO A 204 15.12 1.08 -4.74
C PRO A 204 14.58 -0.07 -3.89
N THR A 205 13.52 -0.74 -4.31
CA THR A 205 12.93 -1.84 -3.53
C THR A 205 13.64 -3.16 -3.76
N THR A 206 13.35 -4.13 -2.90
CA THR A 206 13.87 -5.50 -2.96
C THR A 206 12.76 -6.51 -2.70
N PHE A 207 12.89 -7.71 -3.25
CA PHE A 207 11.85 -8.73 -3.26
C PHE A 207 11.47 -9.21 -1.85
N LEU A 208 10.18 -9.18 -1.50
CA LEU A 208 9.64 -9.82 -0.30
C LEU A 208 9.23 -11.27 -0.57
N PHE A 209 8.25 -11.46 -1.47
CA PHE A 209 7.64 -12.76 -1.74
C PHE A 209 6.93 -12.76 -3.10
N SER A 210 6.61 -13.96 -3.58
CA SER A 210 5.69 -14.17 -4.69
C SER A 210 4.68 -15.25 -4.35
N LEU A 211 3.52 -15.22 -4.99
CA LEU A 211 2.36 -16.01 -4.61
C LEU A 211 1.55 -16.40 -5.83
N TYR A 212 1.43 -17.69 -6.11
CA TYR A 212 0.55 -18.16 -7.16
C TYR A 212 -0.91 -18.04 -6.75
N LEU A 213 -1.72 -17.35 -7.55
CA LEU A 213 -3.16 -17.21 -7.35
C LEU A 213 -3.97 -17.94 -8.42
N GLY A 214 -3.41 -18.11 -9.62
CA GLY A 214 -4.10 -18.65 -10.79
C GLY A 214 -5.04 -17.62 -11.44
N THR A 215 -5.86 -16.96 -10.64
CA THR A 215 -6.78 -15.92 -11.10
C THR A 215 -6.12 -14.56 -11.27
N LEU A 216 -6.66 -13.74 -12.17
CA LEU A 216 -6.27 -12.35 -12.37
C LEU A 216 -6.77 -11.46 -11.22
N LEU A 217 -5.90 -10.72 -10.54
CA LEU A 217 -6.31 -9.63 -9.65
C LEU A 217 -6.78 -8.46 -10.50
N SER A 218 -7.79 -7.71 -10.05
CA SER A 218 -8.39 -6.64 -10.85
C SER A 218 -8.55 -5.32 -10.12
N HIS A 219 -8.60 -5.30 -8.79
CA HIS A 219 -8.80 -4.07 -8.04
C HIS A 219 -7.89 -3.99 -6.83
N TYR A 220 -7.60 -2.77 -6.39
CA TYR A 220 -6.97 -2.50 -5.11
C TYR A 220 -7.66 -1.33 -4.44
N TYR A 221 -7.52 -1.25 -3.13
CA TYR A 221 -8.14 -0.21 -2.32
C TYR A 221 -7.29 0.06 -1.07
N VAL A 222 -7.13 1.33 -0.69
CA VAL A 222 -6.36 1.73 0.50
C VAL A 222 -7.36 2.04 1.60
N LEU A 223 -7.32 1.31 2.71
CA LEU A 223 -8.35 1.41 3.72
C LEU A 223 -8.30 2.75 4.44
N PRO A 224 -9.43 3.43 4.66
CA PRO A 224 -9.51 4.52 5.61
C PRO A 224 -9.03 4.10 6.98
N LEU A 225 -8.33 4.99 7.67
CA LEU A 225 -7.87 4.78 9.03
C LEU A 225 -8.58 5.78 9.93
N THR A 226 -9.22 5.33 11.01
CA THR A 226 -9.90 6.24 11.93
C THR A 226 -9.12 6.42 13.21
N CYS A 227 -9.00 7.67 13.67
CA CYS A 227 -8.10 8.01 14.76
C CYS A 227 -8.60 9.23 15.53
N ASN A 228 -8.41 9.25 16.84
CA ASN A 228 -8.64 10.47 17.62
C ASN A 228 -7.46 11.47 17.51
N ALA A 229 -6.27 11.00 17.10
CA ALA A 229 -5.11 11.82 16.72
C ALA A 229 -5.03 12.04 15.21
N ILE A 230 -3.87 12.45 14.67
CA ILE A 230 -3.60 12.66 13.24
C ILE A 230 -4.51 13.76 12.67
N SER A 231 -4.43 14.98 13.21
CA SER A 231 -5.10 16.15 12.64
C SER A 231 -4.53 17.47 13.19
N SER A 232 -4.79 18.56 12.49
CA SER A 232 -4.19 19.87 12.78
C SER A 232 -4.58 20.46 14.14
N ASN A 233 -5.75 20.10 14.69
CA ASN A 233 -6.17 20.52 16.03
C ASN A 233 -5.56 19.67 17.17
N THR A 234 -4.86 18.56 16.89
CA THR A 234 -4.29 17.69 17.94
C THR A 234 -2.79 17.46 17.82
N ASP A 235 -2.21 17.35 16.61
CA ASP A 235 -0.78 17.03 16.46
C ASP A 235 -0.12 17.49 15.13
N ASN A 236 -0.87 18.02 14.17
CA ASN A 236 -0.39 18.33 12.81
C ASN A 236 0.24 17.13 12.05
N GLU A 237 0.03 15.89 12.50
CA GLU A 237 0.43 14.74 11.69
C GLU A 237 -0.58 14.39 10.58
N THR A 238 -0.11 13.63 9.60
CA THR A 238 -0.90 13.22 8.42
C THR A 238 -0.54 11.82 7.97
N LEU A 239 -1.52 11.12 7.39
CA LEU A 239 -1.27 9.95 6.55
C LEU A 239 -0.93 10.41 5.13
N GLN A 240 -0.07 9.67 4.43
CA GLN A 240 0.04 9.77 2.97
C GLN A 240 0.31 8.38 2.39
N TYR A 241 -0.42 8.00 1.34
CA TYR A 241 -0.22 6.73 0.65
C TYR A 241 -0.32 6.99 -0.85
N TRP A 242 0.81 7.37 -1.45
CA TRP A 242 0.89 7.71 -2.86
C TRP A 242 1.00 6.45 -3.70
N VAL A 243 0.14 6.25 -4.71
CA VAL A 243 0.24 5.13 -5.65
C VAL A 243 0.29 5.59 -7.10
N THR A 244 0.96 4.83 -7.96
CA THR A 244 0.96 5.06 -9.40
C THR A 244 1.05 3.73 -10.16
N PRO A 245 0.45 3.58 -11.36
CA PRO A 245 0.46 2.32 -12.09
C PRO A 245 1.86 1.88 -12.50
N LEU A 246 2.12 0.58 -12.45
CA LEU A 246 3.27 -0.05 -13.09
C LEU A 246 2.95 -0.46 -14.52
N SER A 247 3.97 -0.54 -15.36
CA SER A 247 3.91 -1.13 -16.69
C SER A 247 5.28 -1.67 -17.09
N LYS A 248 5.36 -2.54 -18.11
CA LYS A 248 6.61 -3.13 -18.57
C LYS A 248 7.39 -2.09 -19.38
N ARG A 249 8.44 -1.47 -18.81
CA ARG A 249 9.19 -0.34 -19.39
C ARG A 249 10.68 -0.60 -19.40
N GLN A 250 11.40 0.04 -20.32
CA GLN A 250 12.87 -0.02 -20.34
C GLN A 250 13.44 1.19 -19.60
N TYR A 251 14.28 0.94 -18.61
CA TYR A 251 14.98 1.94 -17.82
C TYR A 251 16.48 1.82 -18.02
N LEU A 252 17.17 2.95 -18.04
CA LEU A 252 18.57 2.98 -17.67
C LEU A 252 18.65 2.95 -16.15
N LEU A 253 19.55 2.16 -15.57
CA LEU A 253 19.83 2.11 -14.15
C LEU A 253 21.31 2.37 -13.93
N LYS A 254 21.69 3.23 -12.99
CA LYS A 254 23.10 3.45 -12.62
C LYS A 254 23.39 2.90 -11.24
N PHE A 255 24.36 2.02 -11.14
CA PHE A 255 24.81 1.40 -9.91
C PHE A 255 26.14 2.03 -9.49
N ASP A 256 26.29 2.41 -8.23
CA ASP A 256 27.56 2.96 -7.73
C ASP A 256 28.60 1.87 -7.41
N ASN A 257 29.77 2.25 -6.92
CA ASN A 257 30.84 1.33 -6.57
C ASN A 257 30.57 0.47 -5.32
N ARG A 258 29.37 0.51 -4.72
CA ARG A 258 28.93 -0.46 -3.69
C ARG A 258 27.60 -1.13 -4.04
N GLY A 259 27.16 -1.03 -5.29
CA GLY A 259 26.02 -1.77 -5.83
C GLY A 259 24.66 -1.16 -5.51
N VAL A 260 24.57 0.06 -5.01
CA VAL A 260 23.30 0.76 -4.79
C VAL A 260 22.85 1.44 -6.08
N ILE A 261 21.57 1.34 -6.45
CA ILE A 261 21.02 2.12 -7.57
C ILE A 261 20.91 3.56 -7.14
N THR A 262 21.74 4.45 -7.68
CA THR A 262 21.70 5.87 -7.30
C THR A 262 20.84 6.72 -8.23
N ASN A 263 20.70 6.33 -9.50
CA ASN A 263 19.97 7.08 -10.51
C ASN A 263 19.30 6.15 -11.51
N ALA A 264 18.26 6.63 -12.17
CA ALA A 264 17.59 5.91 -13.23
C ALA A 264 17.04 6.86 -14.28
N VAL A 265 16.74 6.36 -15.47
CA VAL A 265 16.08 7.13 -16.53
C VAL A 265 15.05 6.25 -17.20
N ASP A 266 13.80 6.69 -17.23
CA ASP A 266 12.77 6.09 -18.07
C ASP A 266 13.06 6.47 -19.52
N CYS A 267 13.39 5.51 -20.39
CA CYS A 267 13.87 5.82 -21.74
C CYS A 267 12.79 6.35 -22.69
N SER A 268 11.53 6.47 -22.28
CA SER A 268 10.46 7.02 -23.12
C SER A 268 9.51 7.90 -22.31
C1 NAG B . -19.37 -15.68 3.08
C2 NAG B . -19.99 -16.10 4.43
C3 NAG B . -21.51 -15.96 4.34
C4 NAG B . -21.94 -14.59 3.81
C5 NAG B . -21.26 -14.25 2.49
C6 NAG B . -21.57 -12.83 2.01
C7 NAG B . -18.78 -17.82 5.71
C8 NAG B . -18.45 -19.31 5.84
N2 NAG B . -19.62 -17.49 4.73
O3 NAG B . -22.11 -16.16 5.65
O4 NAG B . -23.39 -14.64 3.58
O5 NAG B . -19.82 -14.35 2.72
O6 NAG B . -20.87 -12.56 0.79
O7 NAG B . -18.30 -16.97 6.47
H1 NAG B . -19.67 -16.39 2.30
H2 NAG B . -19.61 -15.43 5.21
H3 NAG B . -21.89 -16.72 3.67
H4 NAG B . -21.71 -13.83 4.56
H5 NAG B . -21.56 -14.97 1.73
H61 NAG B . -22.64 -12.72 1.84
H62 NAG B . -21.27 -12.10 2.76
H81 NAG B . -17.78 -19.46 6.68
H82 NAG B . -19.36 -19.88 6.01
H83 NAG B . -17.97 -19.66 4.93
HN2 NAG B . -20.00 -18.22 4.15
HO3 NAG B . -23.00 -15.78 5.64
HO6 NAG B . -20.89 -11.62 0.64
C1 NAG B . -24.17 -13.69 4.36
C2 NAG B . -25.62 -13.63 3.82
C3 NAG B . -26.47 -12.73 4.71
C4 NAG B . -26.39 -13.16 6.18
C5 NAG B . -24.93 -13.22 6.66
C6 NAG B . -24.79 -13.72 8.11
C7 NAG B . -25.72 -13.93 1.40
C8 NAG B . -25.68 -13.24 0.03
N2 NAG B . -25.61 -13.13 2.45
O3 NAG B . -27.86 -12.77 4.30
O4 NAG B . -27.08 -12.14 6.97
O5 NAG B . -24.17 -14.11 5.76
O6 NAG B . -25.39 -15.01 8.23
O7 NAG B . -25.84 -15.14 1.51
H1 NAG B . -23.71 -12.70 4.28
H2 NAG B . -26.02 -14.64 3.85
H3 NAG B . -26.11 -11.70 4.63
H4 NAG B . -26.86 -14.14 6.30
H5 NAG B . -24.50 -12.23 6.60
H61 NAG B . -25.28 -13.02 8.80
H62 NAG B . -23.74 -13.78 8.37
H81 NAG B . -24.72 -12.74 -0.11
H82 NAG B . -25.80 -13.98 -0.76
H83 NAG B . -26.48 -12.51 -0.05
HN2 NAG B . -25.54 -12.14 2.29
HO3 NAG B . -28.40 -12.44 5.01
HO6 NAG B . -25.14 -15.40 9.08
C1 BMA B . -28.24 -12.66 7.71
C2 BMA B . -28.73 -11.58 8.70
C3 BMA B . -29.95 -12.11 9.44
C4 BMA B . -31.07 -12.52 8.47
C5 BMA B . -30.54 -13.53 7.44
C6 BMA B . -31.56 -13.86 6.34
O2 BMA B . -29.07 -10.38 7.98
O3 BMA B . -30.46 -11.06 10.36
O4 BMA B . -32.14 -13.13 9.20
O5 BMA B . -29.32 -13.00 6.78
O6 BMA B . -31.93 -12.63 5.62
H1 BMA B . -27.92 -13.55 8.27
H2 BMA B . -27.94 -11.36 9.42
H3 BMA B . -29.66 -12.99 10.02
H4 BMA B . -31.44 -11.63 7.95
H5 BMA B . -30.28 -14.47 7.95
H61 BMA B . -31.15 -14.58 5.64
H62 BMA B . -32.45 -14.31 6.80
HO2 BMA B . -29.31 -9.68 8.60
HO4 BMA B . -32.92 -12.56 9.14
C1 MAN B . -30.35 -11.45 11.76
C2 MAN B . -31.25 -10.54 12.64
C3 MAN B . -30.68 -9.12 12.77
C4 MAN B . -29.21 -9.13 13.24
C5 MAN B . -28.36 -10.01 12.31
C6 MAN B . -26.91 -10.17 12.78
O2 MAN B . -31.36 -11.11 13.98
O3 MAN B . -31.52 -8.42 13.72
O4 MAN B . -28.68 -7.78 13.22
O5 MAN B . -28.95 -11.37 12.20
O6 MAN B . -26.23 -8.89 12.75
H1 MAN B . -30.69 -12.47 11.87
H2 MAN B . -32.24 -10.49 12.19
H3 MAN B . -30.75 -8.61 11.81
H4 MAN B . -29.14 -9.52 14.26
H5 MAN B . -28.35 -9.57 11.31
H61 MAN B . -26.88 -10.58 13.79
H62 MAN B . -26.38 -10.86 12.11
HO2 MAN B . -31.84 -11.94 13.93
HO3 MAN B . -31.71 -9.04 14.44
HO4 MAN B . -27.72 -7.87 13.21
HO6 MAN B . -25.29 -9.04 12.89
C1 MAN B . -33.33 -12.65 5.18
C2 MAN B . -33.55 -11.68 4.00
C3 MAN B . -33.53 -10.21 4.44
C4 MAN B . -34.48 -9.96 5.61
C5 MAN B . -34.10 -10.87 6.77
C6 MAN B . -34.96 -10.71 8.03
O2 MAN B . -34.84 -11.95 3.38
O3 MAN B . -33.92 -9.39 3.31
O4 MAN B . -34.34 -8.57 6.01
O5 MAN B . -34.20 -12.29 6.32
O6 MAN B . -34.40 -11.50 9.11
H1 MAN B . -33.58 -13.66 4.85
H2 MAN B . -32.78 -11.85 3.25
H3 MAN B . -32.51 -9.95 4.73
H4 MAN B . -35.51 -10.14 5.32
H5 MAN B . -33.06 -10.66 7.04
H61 MAN B . -34.98 -9.65 8.34
H62 MAN B . -35.98 -11.03 7.84
HO2 MAN B . -34.86 -12.83 3.01
HO3 MAN B . -34.59 -9.89 2.84
HO4 MAN B . -34.36 -8.05 5.20
HO6 MAN B . -35.00 -11.44 9.86
C1 NAG C . 2.21 -11.60 12.85
C2 NAG C . 2.14 -12.73 13.90
C3 NAG C . 0.77 -12.72 14.60
C4 NAG C . 0.43 -11.31 15.12
C5 NAG C . 0.60 -10.24 14.04
C6 NAG C . 0.34 -8.81 14.54
C7 NAG C . 1.78 -14.61 12.32
C8 NAG C . 2.35 -15.94 11.81
N2 NAG C . 2.47 -14.02 13.30
O3 NAG C . 0.76 -13.65 15.71
O4 NAG C . -0.98 -11.32 15.53
O5 NAG C . 1.97 -10.32 13.51
O6 NAG C . 1.21 -8.55 15.66
O7 NAG C . 0.77 -14.11 11.85
H1 NAG C . 1.45 -11.75 12.08
H2 NAG C . 2.89 -12.53 14.65
H3 NAG C . -0.02 -13.01 13.90
H4 NAG C . 1.08 -11.09 15.97
H5 NAG C . -0.10 -10.45 13.23
H61 NAG C . -0.70 -8.71 14.86
H62 NAG C . 0.54 -8.11 13.74
H81 NAG C . 3.32 -15.78 11.37
H82 NAG C . 1.68 -16.35 11.05
H83 NAG C . 2.42 -16.65 12.64
HN2 NAG C . 3.27 -14.50 13.68
HO3 NAG C . 0.08 -13.40 16.32
HO6 NAG C . 1.05 -7.65 15.96
C1 NAG C . -1.18 -11.16 16.98
C2 NAG C . -2.69 -10.97 17.25
C3 NAG C . -2.96 -10.90 18.77
C4 NAG C . -2.42 -12.16 19.45
C5 NAG C . -0.93 -12.37 19.15
C6 NAG C . -0.38 -13.69 19.70
C7 NAG C . -2.85 -8.57 16.68
C8 NAG C . -3.56 -7.54 15.79
N2 NAG C . -3.27 -9.83 16.53
O3 NAG C . -4.39 -10.80 19.03
O4 NAG C . -2.59 -11.97 20.88
O5 NAG C . -0.72 -12.37 17.67
O6 NAG C . -1.01 -14.81 19.06
O7 NAG C . -1.96 -8.26 17.46
H1 NAG C . -0.62 -10.30 17.33
H2 NAG C . -3.20 -11.86 16.86
H3 NAG C . -2.47 -10.03 19.18
H4 NAG C . -3.00 -13.03 19.14
H5 NAG C . -0.36 -11.55 19.57
H61 NAG C . 0.69 -13.74 19.52
H62 NAG C . -0.55 -13.75 20.78
H81 NAG C . -4.63 -7.53 16.03
H82 NAG C . -3.15 -6.55 15.98
H83 NAG C . -3.42 -7.79 14.74
HN2 NAG C . -3.96 -10.04 15.83
HO3 NAG C . -4.76 -10.07 18.53
HO4 NAG C . -3.50 -11.69 21.01
HO6 NAG C . -0.62 -15.62 19.41
C1 NAG D . -27.10 -3.43 8.31
C2 NAG D . -28.45 -3.18 7.64
C3 NAG D . -29.32 -2.28 8.52
C4 NAG D . -29.54 -2.97 9.88
C5 NAG D . -28.20 -3.28 10.57
C6 NAG D . -28.37 -4.14 11.84
C7 NAG D . -28.18 -3.32 5.21
C8 NAG D . -28.02 -2.54 3.89
N2 NAG D . -28.27 -2.58 6.32
O3 NAG D . -30.60 -2.02 7.91
O4 NAG D . -30.30 -2.06 10.69
O5 NAG D . -27.29 -4.00 9.65
O6 NAG D . -28.75 -5.47 11.44
O7 NAG D . -28.23 -4.54 5.25
H1 NAG D . -26.52 -2.50 8.39
H2 NAG D . -28.97 -4.13 7.53
H3 NAG D . -28.81 -1.32 8.67
H4 NAG D . -30.10 -3.89 9.73
H5 NAG D . -27.73 -2.33 10.86
H61 NAG D . -27.43 -4.19 12.37
H62 NAG D . -29.12 -3.71 12.50
H81 NAG D . -28.90 -1.93 3.72
H82 NAG D . -27.13 -1.90 3.95
H83 NAG D . -27.90 -3.24 3.06
HN2 NAG D . -28.10 -1.59 6.25
HO3 NAG D . -30.48 -1.68 7.02
HO4 NAG D . -31.03 -1.75 10.14
HO6 NAG D . -28.79 -6.03 12.22
C1 NAG E . 34.00 4.06 -11.54
C2 NAG E . 35.50 4.09 -11.18
C3 NAG E . 36.12 5.38 -11.73
C4 NAG E . 35.89 5.51 -13.24
C5 NAG E . 34.38 5.44 -13.56
C6 NAG E . 34.05 5.44 -15.06
C7 NAG E . 35.71 2.88 -9.06
C8 NAG E . 35.93 2.99 -7.54
N2 NAG E . 35.68 4.02 -9.73
O3 NAG E . 37.56 5.41 -11.48
O4 NAG E . 36.41 6.80 -13.65
O5 NAG E . 33.82 4.20 -12.98
O6 NAG E . 34.63 4.30 -15.69
O7 NAG E . 35.54 1.79 -9.61
H1 NAG E . 33.47 4.88 -11.04
H2 NAG E . 36.00 3.23 -11.64
H3 NAG E . 35.67 6.23 -11.22
H4 NAG E . 36.43 4.73 -13.77
H5 NAG E . 33.88 6.29 -13.10
H61 NAG E . 32.97 5.42 -15.19
H62 NAG E . 34.43 6.35 -15.53
H81 NAG E . 35.92 2.01 -7.09
H82 NAG E . 35.13 3.60 -7.09
H83 NAG E . 36.90 3.47 -7.34
HN2 NAG E . 35.82 4.89 -9.23
HO3 NAG E . 37.91 6.18 -11.94
HO4 NAG E . 36.54 6.81 -14.60
HO6 NAG E . 34.31 4.25 -16.60
C1 NAG F . -17.05 -1.54 20.19
C2 NAG F . -18.56 -1.20 20.20
C3 NAG F . -19.07 -1.18 21.65
C4 NAG F . -18.79 -2.51 22.34
C5 NAG F . -17.30 -2.90 22.27
C6 NAG F . -17.01 -4.30 22.82
C7 NAG F . -19.04 0.21 18.25
C8 NAG F . -19.33 1.62 17.72
N2 NAG F . -18.82 0.09 19.56
O3 NAG F . -20.50 -0.92 21.69
O4 NAG F . -19.17 -2.35 23.73
O5 NAG F . -16.85 -2.83 20.86
O6 NAG F . -17.69 -5.30 22.03
O7 NAG F . -18.99 -0.77 17.50
H1 NAG F . -16.49 -0.77 20.71
H2 NAG F . -19.10 -1.97 19.66
H3 NAG F . -18.56 -0.38 22.19
H4 NAG F . -19.40 -3.30 21.89
H5 NAG F . -16.72 -2.18 22.84
H61 NAG F . -15.95 -4.49 22.78
H62 NAG F . -17.34 -4.37 23.85
H81 NAG F . -20.23 1.95 18.06
H82 NAG F . -18.61 2.28 18.02
H83 NAG F . -19.35 1.64 16.69
HN2 NAG F . -18.74 0.93 20.10
HO3 NAG F . -20.70 -0.13 21.20
HO4 NAG F . -20.05 -1.97 23.73
HO6 NAG F . -17.43 -6.16 22.37
C1 NAG G . 16.24 3.04 11.17
C2 NAG G . 17.74 2.70 11.15
C3 NAG G . 18.56 3.87 11.67
C4 NAG G . 18.23 5.16 10.91
C5 NAG G . 16.73 5.46 10.98
C6 NAG G . 16.31 6.69 10.16
C7 NAG G . 17.97 0.29 11.46
C8 NAG G . 18.19 -0.86 12.46
N2 NAG G . 17.95 1.51 11.97
O3 NAG G . 19.99 3.59 11.54
O4 NAG G . 18.95 6.23 11.54
O5 NAG G . 15.97 4.29 10.48
O6 NAG G . 16.50 6.43 8.76
O7 NAG G . 17.82 0.08 10.26
H1 NAG G . 15.90 3.13 12.21
H2 NAG G . 18.04 2.50 10.12
H3 NAG G . 18.33 4.03 12.73
H4 NAG G . 18.55 5.06 9.87
H5 NAG G . 16.45 5.63 12.01
H61 NAG G . 15.26 6.91 10.34
H62 NAG G . 16.90 7.56 10.46
H81 NAG G . 18.15 -1.82 11.94
H82 NAG G . 19.16 -0.75 12.94
H83 NAG G . 17.41 -0.83 13.22
HN2 NAG G . 17.99 1.62 12.98
HO3 NAG G . 20.20 2.77 11.99
HO4 NAG G . 19.88 5.94 11.61
HO6 NAG G . 16.33 7.25 8.27
C1 NAG H . -0.32 23.14 13.71
C2 NAG H . -0.49 23.56 15.18
C3 NAG H . -1.12 24.96 15.20
C4 NAG H . -0.21 25.94 14.44
C5 NAG H . 0.09 25.48 13.01
C6 NAG H . 1.14 26.35 12.29
C7 NAG H . -0.91 21.91 16.97
C8 NAG H . -1.90 20.89 17.55
N2 NAG H . -1.33 22.58 15.90
O3 NAG H . -1.33 25.42 16.56
O4 NAG H . -0.92 27.21 14.39
O5 NAG H . 0.56 24.07 13.02
O6 NAG H . 2.42 26.23 12.97
O7 NAG H . 0.20 22.09 17.46
H1 NAG H . -1.28 23.13 13.21
H2 NAG H . 0.49 23.61 15.64
H3 NAG H . -2.10 24.90 14.70
H4 NAG H . 0.71 26.07 15.00
H5 NAG H . -0.83 25.52 12.43
H61 NAG H . 1.25 26.02 11.26
H62 NAG H . 0.83 27.39 12.29
H81 NAG H . -1.44 20.37 18.38
H82 NAG H . -2.18 20.18 16.77
H83 NAG H . -2.79 21.41 17.90
HN2 NAG H . -2.22 22.34 15.49
HO3 NAG H . -1.83 24.77 17.04
HO4 NAG H . -1.23 27.37 15.29
HO6 NAG H . 3.06 26.73 12.46
C1 NAG I . -20.03 15.75 -5.27
C2 NAG I . -21.12 16.67 -5.86
C3 NAG I . -21.22 16.41 -7.37
C4 NAG I . -19.87 16.60 -8.06
C5 NAG I . -18.79 15.71 -7.40
C6 NAG I . -17.37 15.91 -7.97
C7 NAG I . -22.77 17.11 -4.09
C8 NAG I . -24.21 16.88 -3.61
N2 NAG I . -22.41 16.48 -5.20
O3 NAG I . -22.20 17.28 -8.00
O4 NAG I . -20.03 16.22 -9.45
O5 NAG I . -18.75 15.98 -5.94
O6 NAG I . -16.93 17.27 -7.79
O7 NAG I . -21.98 17.81 -3.47
H1 NAG I . -20.31 14.69 -5.38
H2 NAG I . -20.81 17.71 -5.72
H3 NAG I . -21.55 15.36 -7.52
H4 NAG I . -19.58 17.64 -8.00
H5 NAG I . -19.06 14.68 -7.56
H61 NAG I . -16.68 15.25 -7.46
H62 NAG I . -17.35 15.67 -9.03
H81 NAG I . -24.35 15.82 -3.38
H82 NAG I . -24.40 17.46 -2.71
H83 NAG I . -24.91 17.18 -4.38
HN2 NAG I . -23.09 15.88 -5.67
HO3 NAG I . -22.14 17.15 -8.94
HO4 NAG I . -19.29 16.56 -9.96
HO6 NAG I . -16.00 17.33 -8.01
#